data_5R4T
#
_entry.id   5R4T
#
_cell.length_a   59.010
_cell.length_b   59.010
_cell.length_c   212.964
_cell.angle_alpha   90.000
_cell.angle_beta   90.000
_cell.angle_gamma   120.000
#
_symmetry.space_group_name_H-M   'P 32 2 1'
#
loop_
_entity.id
_entity.type
_entity.pdbx_description
1 polymer 'Cleavage and polyadenylation specificity factor subunit 5'
2 non-polymer 'ZINC ION'
3 non-polymer 'ACETATE ION'
4 non-polymer (5R)-5-{[1-(4-fluorophenyl)-1H-1,2,3-triazol-4-yl]methyl}-5-methylpyrrolidine-2,4-dione
5 water water
#
_entity_poly.entity_id   1
_entity_poly.type   'polypeptide(L)'
_entity_poly.pdbx_seq_one_letter_code
;SMLERTINLYPLTNYTFGTKEPLYEKDSSVAARFQRMREEFDKIGMRRTVEGVLIVHEHRLPHVLLLQLGTTFFKLPGGE
LNPGEDEVEGLKRLMTEILGRQDGVLQDWVIDDCIGNWWRPNFEPPQYPYIPAHITKPKEHKKLFLVQLQEKALFAVPKN
YKLVAAPLFELYDNAPGYGPIISSLPQLLSRFNFIYN
;
_entity_poly.pdbx_strand_id   A,B
#
loop_
_chem_comp.id
_chem_comp.type
_chem_comp.name
_chem_comp.formula
ACT non-polymer 'ACETATE ION' 'C2 H3 O2 -1'
RWG non-polymer (5R)-5-{[1-(4-fluorophenyl)-1H-1,2,3-triazol-4-yl]methyl}-5-methylpyrrolidine-2,4-dione 'C14 H13 F N4 O2'
ZN non-polymer 'ZINC ION' 'Zn 2'
#
# COMPACT_ATOMS: atom_id res chain seq x y z
N SER A 1 3.25 32.00 -35.04
CA SER A 1 1.89 32.29 -34.46
C SER A 1 1.20 31.00 -34.02
N MET A 2 1.53 29.87 -34.65
CA MET A 2 1.21 28.52 -34.13
C MET A 2 2.16 28.22 -32.97
N LEU A 3 1.80 28.76 -31.79
CA LEU A 3 2.53 28.62 -30.49
C LEU A 3 1.81 27.61 -29.57
N GLU A 4 0.80 26.91 -30.12
CA GLU A 4 -0.01 25.89 -29.40
C GLU A 4 0.60 24.50 -29.59
N ARG A 5 0.50 23.69 -28.54
CA ARG A 5 0.80 22.25 -28.53
C ARG A 5 -0.33 21.50 -29.22
N THR A 6 0.00 20.58 -30.12
CA THR A 6 -1.00 19.78 -30.86
C THR A 6 -1.17 18.41 -30.18
N ILE A 7 -2.40 18.06 -29.81
CA ILE A 7 -2.70 16.82 -29.04
C ILE A 7 -3.71 15.99 -29.81
N ASN A 8 -3.37 14.71 -30.05
CA ASN A 8 -4.30 13.75 -30.68
C ASN A 8 -5.34 13.27 -29.67
N LEU A 9 -6.62 13.46 -29.98
CA LEU A 9 -7.74 12.80 -29.26
C LEU A 9 -8.36 11.68 -30.10
N TYR A 10 -8.84 10.63 -29.42
CA TYR A 10 -9.48 9.49 -30.11
C TYR A 10 -10.85 9.29 -29.50
N PRO A 11 -11.77 8.62 -30.23
CA PRO A 11 -13.13 8.39 -29.72
C PRO A 11 -13.07 7.53 -28.45
N LEU A 12 -13.96 7.82 -27.50
CA LEU A 12 -14.17 7.06 -26.25
C LEU A 12 -14.40 5.57 -26.57
N THR A 13 -15.11 5.28 -27.68
CA THR A 13 -15.37 3.91 -28.20
C THR A 13 -14.08 3.24 -28.70
N ASN A 14 -12.96 3.96 -28.85
CA ASN A 14 -11.69 3.27 -29.15
C ASN A 14 -11.11 2.55 -27.92
N TYR A 15 -11.58 2.84 -26.72
CA TYR A 15 -10.94 2.37 -25.48
C TYR A 15 -11.81 1.28 -24.87
N THR A 16 -11.20 0.23 -24.32
CA THR A 16 -11.92 -0.85 -23.59
C THR A 16 -11.72 -0.60 -22.09
N PHE A 17 -12.80 -0.57 -21.31
CA PHE A 17 -12.77 -0.42 -19.84
C PHE A 17 -13.16 -1.76 -19.19
N GLY A 18 -12.14 -2.54 -18.86
CA GLY A 18 -12.28 -3.78 -18.06
C GLY A 18 -12.35 -3.45 -16.59
N THR A 19 -12.33 -4.48 -15.74
CA THR A 19 -12.50 -4.37 -14.27
C THR A 19 -11.39 -5.15 -13.59
N LYS A 20 -11.06 -4.77 -12.37
CA LYS A 20 -10.10 -5.53 -11.52
C LYS A 20 -10.46 -5.30 -10.06
N GLU A 21 -9.67 -5.87 -9.15
CA GLU A 21 -9.97 -5.87 -7.69
C GLU A 21 -10.14 -4.42 -7.21
N PRO A 22 -10.89 -4.16 -6.12
CA PRO A 22 -11.01 -2.81 -5.59
C PRO A 22 -9.61 -2.29 -5.22
N LEU A 23 -9.42 -0.99 -5.28
CA LEU A 23 -8.19 -0.31 -4.82
C LEU A 23 -8.65 0.64 -3.70
N TYR A 24 -8.25 0.34 -2.48
CA TYR A 24 -8.72 1.08 -1.28
C TYR A 24 -7.78 2.26 -1.04
N GLU A 25 -8.35 3.40 -0.62
CA GLU A 25 -7.60 4.63 -0.21
C GLU A 25 -6.93 4.32 1.13
N LYS A 26 -5.75 4.90 1.40
CA LYS A 26 -5.06 4.75 2.71
C LYS A 26 -5.95 5.32 3.82
N ASP A 27 -6.64 6.44 3.53
CA ASP A 27 -7.35 7.20 4.58
C ASP A 27 -8.83 6.81 4.57
N SER A 28 -9.34 6.37 5.72
CA SER A 28 -10.75 5.94 5.87
C SER A 28 -11.69 7.13 6.12
N SER A 29 -11.17 8.36 6.20
CA SER A 29 -11.98 9.59 6.45
C SER A 29 -11.15 10.84 6.17
N VAL A 30 -11.81 11.99 6.01
CA VAL A 30 -11.14 13.31 5.92
C VAL A 30 -10.21 13.46 7.14
N ALA A 31 -10.69 13.11 8.33
CA ALA A 31 -9.91 13.33 9.58
C ALA A 31 -8.62 12.50 9.52
N ALA A 32 -8.69 11.22 9.14
CA ALA A 32 -7.48 10.36 9.01
C ALA A 32 -6.55 10.95 7.93
N ARG A 33 -7.12 11.46 6.84
CA ARG A 33 -6.36 12.02 5.70
C ARG A 33 -5.46 13.14 6.23
N PHE A 34 -6.05 14.07 6.97
CA PHE A 34 -5.30 15.24 7.47
C PHE A 34 -4.34 14.79 8.60
N GLN A 35 -4.69 13.77 9.39
CA GLN A 35 -3.81 13.23 10.46
C GLN A 35 -2.55 12.66 9.77
N ARG A 36 -2.73 11.79 8.77
CA ARG A 36 -1.57 11.17 8.08
C ARG A 36 -0.74 12.26 7.40
N MET A 37 -1.36 13.28 6.81
CA MET A 37 -0.63 14.39 6.16
C MET A 37 0.25 15.11 7.19
N ARG A 38 -0.28 15.33 8.40
N ARG A 38 -0.28 15.35 8.40
CA ARG A 38 0.45 15.96 9.53
CA ARG A 38 0.46 15.96 9.54
C ARG A 38 1.65 15.09 9.91
C ARG A 38 1.66 15.09 9.90
N GLU A 39 1.42 13.79 10.12
CA GLU A 39 2.47 12.83 10.55
C GLU A 39 3.60 12.76 9.51
N GLU A 40 3.25 12.64 8.25
CA GLU A 40 4.29 12.52 7.18
C GLU A 40 5.02 13.84 7.02
N PHE A 41 4.34 14.98 7.09
CA PHE A 41 5.02 16.29 6.96
C PHE A 41 6.14 16.38 7.99
N ASP A 42 5.89 15.97 9.23
CA ASP A 42 6.89 16.01 10.33
C ASP A 42 8.07 15.10 10.00
N LYS A 43 7.87 14.01 9.26
CA LYS A 43 8.93 13.03 8.92
C LYS A 43 9.65 13.43 7.62
N ILE A 44 8.93 13.76 6.55
CA ILE A 44 9.53 13.92 5.19
C ILE A 44 9.14 15.25 4.53
N GLY A 45 8.46 16.15 5.23
CA GLY A 45 8.11 17.47 4.66
C GLY A 45 6.95 17.42 3.67
N MET A 46 6.90 18.43 2.82
CA MET A 46 5.72 18.72 1.97
C MET A 46 5.32 17.46 1.18
N ARG A 47 4.05 17.10 1.20
CA ARG A 47 3.49 16.08 0.30
C ARG A 47 3.59 16.54 -1.18
N ARG A 48 4.11 15.68 -2.05
CA ARG A 48 4.19 15.89 -3.51
C ARG A 48 3.18 14.92 -4.15
N THR A 49 2.14 15.46 -4.77
N THR A 49 2.18 15.48 -4.82
CA THR A 49 1.11 14.67 -5.51
CA THR A 49 1.08 14.76 -5.50
C THR A 49 1.19 15.01 -7.00
C THR A 49 1.16 15.03 -7.01
N VAL A 50 0.86 14.03 -7.84
CA VAL A 50 0.85 14.17 -9.31
C VAL A 50 -0.48 13.59 -9.78
N GLU A 51 -1.07 14.22 -10.79
CA GLU A 51 -2.39 13.84 -11.34
C GLU A 51 -2.31 13.93 -12.87
N GLY A 52 -2.91 12.96 -13.53
CA GLY A 52 -2.96 12.84 -15.01
C GLY A 52 -4.33 13.20 -15.52
N VAL A 53 -4.34 14.02 -16.56
CA VAL A 53 -5.54 14.42 -17.33
C VAL A 53 -5.53 13.64 -18.63
N LEU A 54 -6.48 12.72 -18.77
CA LEU A 54 -6.59 11.84 -19.94
C LEU A 54 -7.82 12.31 -20.71
N ILE A 55 -7.64 12.64 -21.96
CA ILE A 55 -8.73 13.23 -22.77
C ILE A 55 -9.08 12.29 -23.92
N VAL A 56 -10.37 12.19 -24.18
CA VAL A 56 -10.92 11.50 -25.36
C VAL A 56 -11.94 12.44 -26.00
N HIS A 57 -12.57 11.99 -27.09
CA HIS A 57 -13.72 12.73 -27.64
C HIS A 57 -14.83 11.76 -28.04
N GLU A 58 -16.04 12.31 -28.13
N GLU A 58 -16.06 12.24 -28.12
CA GLU A 58 -17.23 11.71 -28.79
CA GLU A 58 -17.06 11.57 -28.98
C GLU A 58 -17.76 12.74 -29.79
C GLU A 58 -17.79 12.63 -29.79
N HIS A 59 -17.75 12.43 -31.10
CA HIS A 59 -18.38 13.31 -32.12
C HIS A 59 -17.73 14.70 -32.00
N ARG A 60 -16.41 14.73 -31.73
CA ARG A 60 -15.55 15.93 -31.72
C ARG A 60 -15.74 16.79 -30.47
N LEU A 61 -16.33 16.25 -29.41
CA LEU A 61 -16.58 16.95 -28.13
C LEU A 61 -15.59 16.42 -27.11
N PRO A 62 -14.60 17.19 -26.66
CA PRO A 62 -13.59 16.62 -25.76
C PRO A 62 -14.24 16.25 -24.43
N HIS A 63 -13.77 15.14 -23.84
CA HIS A 63 -14.17 14.66 -22.50
C HIS A 63 -12.91 14.31 -21.69
N VAL A 64 -12.90 14.64 -20.40
CA VAL A 64 -11.84 14.26 -19.45
C VAL A 64 -12.29 12.95 -18.76
N LEU A 65 -11.39 11.98 -18.68
CA LEU A 65 -11.66 10.74 -17.92
C LEU A 65 -11.48 11.04 -16.44
N LEU A 66 -12.54 10.81 -15.65
CA LEU A 66 -12.52 10.95 -14.19
C LEU A 66 -12.80 9.58 -13.55
N LEU A 67 -12.25 9.39 -12.36
CA LEU A 67 -12.53 8.19 -11.53
C LEU A 67 -13.51 8.61 -10.45
N GLN A 68 -14.66 7.96 -10.43
CA GLN A 68 -15.65 8.25 -9.38
C GLN A 68 -15.54 7.11 -8.37
N LEU A 69 -15.34 7.47 -7.13
CA LEU A 69 -15.34 6.50 -6.02
C LEU A 69 -16.81 6.14 -5.74
N GLY A 70 -17.24 4.96 -6.20
CA GLY A 70 -18.66 4.59 -6.28
C GLY A 70 -19.47 5.73 -6.91
N THR A 71 -20.30 6.40 -6.13
CA THR A 71 -21.17 7.50 -6.63
C THR A 71 -20.77 8.77 -5.85
N THR A 72 -19.58 8.78 -5.25
CA THR A 72 -19.14 9.87 -4.33
C THR A 72 -18.23 10.83 -5.12
N PHE A 73 -17.01 11.07 -4.62
CA PHE A 73 -16.05 12.12 -5.07
C PHE A 73 -15.52 11.72 -6.45
N PHE A 74 -15.28 12.72 -7.31
CA PHE A 74 -14.56 12.57 -8.60
C PHE A 74 -13.10 12.92 -8.36
N LYS A 75 -12.20 12.09 -8.90
CA LYS A 75 -10.73 12.28 -8.80
C LYS A 75 -10.09 12.09 -10.17
N LEU A 76 -8.91 12.69 -10.35
CA LEU A 76 -8.02 12.40 -11.48
C LEU A 76 -7.18 11.20 -11.06
N PRO A 77 -6.79 10.33 -12.00
CA PRO A 77 -5.81 9.30 -11.72
C PRO A 77 -4.48 9.92 -11.30
N GLY A 78 -3.89 9.40 -10.21
CA GLY A 78 -2.63 9.98 -9.70
C GLY A 78 -2.49 9.65 -8.23
N GLY A 79 -1.72 10.47 -7.53
CA GLY A 79 -1.49 10.24 -6.09
C GLY A 79 -0.13 10.70 -5.64
N GLU A 80 0.37 10.07 -4.58
CA GLU A 80 1.51 10.61 -3.78
C GLU A 80 2.83 10.06 -4.32
N LEU A 81 3.80 10.94 -4.54
CA LEU A 81 5.19 10.54 -4.85
C LEU A 81 5.87 10.06 -3.55
N ASN A 82 6.76 9.09 -3.70
CA ASN A 82 7.73 8.73 -2.63
C ASN A 82 8.80 9.79 -2.56
N PRO A 83 9.46 9.97 -1.39
CA PRO A 83 10.62 10.87 -1.33
C PRO A 83 11.71 10.53 -2.37
N GLY A 84 12.19 11.54 -3.08
CA GLY A 84 13.23 11.42 -4.12
C GLY A 84 12.71 10.82 -5.44
N GLU A 85 11.41 10.57 -5.57
CA GLU A 85 10.83 10.01 -6.80
C GLU A 85 10.54 11.13 -7.82
N ASP A 86 11.03 10.92 -9.03
CA ASP A 86 10.80 11.73 -10.25
C ASP A 86 9.29 11.89 -10.47
N GLU A 87 8.85 13.11 -10.77
CA GLU A 87 7.39 13.38 -10.93
C GLU A 87 6.77 12.58 -12.07
N VAL A 88 7.44 12.50 -13.21
CA VAL A 88 6.87 11.83 -14.41
C VAL A 88 6.91 10.32 -14.21
N GLU A 89 8.06 9.75 -13.80
CA GLU A 89 8.12 8.30 -13.50
C GLU A 89 7.07 7.99 -12.44
N GLY A 90 6.88 8.87 -11.48
CA GLY A 90 5.89 8.62 -10.40
C GLY A 90 4.45 8.63 -10.93
N LEU A 91 4.08 9.57 -11.78
CA LEU A 91 2.68 9.58 -12.34
C LEU A 91 2.49 8.31 -13.18
N LYS A 92 3.50 7.88 -13.94
CA LYS A 92 3.40 6.66 -14.78
C LYS A 92 3.12 5.46 -13.87
N ARG A 93 3.89 5.36 -12.78
CA ARG A 93 3.76 4.29 -11.77
C ARG A 93 2.33 4.32 -11.23
N LEU A 94 1.86 5.48 -10.81
CA LEU A 94 0.52 5.58 -10.18
C LEU A 94 -0.61 5.25 -11.17
N MET A 95 -0.52 5.75 -12.38
CA MET A 95 -1.54 5.44 -13.42
C MET A 95 -1.49 3.94 -13.77
N THR A 96 -0.34 3.28 -13.72
CA THR A 96 -0.25 1.78 -13.91
C THR A 96 -0.94 1.10 -12.72
N GLU A 97 -0.67 1.53 -11.49
CA GLU A 97 -1.33 0.91 -10.31
C GLU A 97 -2.84 1.09 -10.40
N ILE A 98 -3.34 2.24 -10.89
CA ILE A 98 -4.81 2.49 -10.92
C ILE A 98 -5.45 1.81 -12.14
N LEU A 99 -4.98 2.08 -13.37
CA LEU A 99 -5.66 1.66 -14.64
C LEU A 99 -4.92 0.57 -15.42
N GLY A 100 -3.73 0.15 -14.96
CA GLY A 100 -2.90 -0.90 -15.59
C GLY A 100 -3.64 -2.22 -15.67
N ARG A 101 -3.31 -3.06 -16.66
CA ARG A 101 -4.07 -4.30 -17.00
C ARG A 101 -3.64 -5.49 -16.14
N GLN A 102 -4.61 -6.37 -15.85
CA GLN A 102 -4.46 -7.64 -15.09
C GLN A 102 -3.50 -8.60 -15.80
N ASP A 103 -3.47 -8.59 -17.14
CA ASP A 103 -2.58 -9.48 -17.95
C ASP A 103 -1.15 -8.94 -17.94
N GLY A 104 -0.91 -7.77 -17.32
CA GLY A 104 0.42 -7.19 -17.09
C GLY A 104 1.13 -6.79 -18.38
N VAL A 105 0.33 -6.32 -19.34
CA VAL A 105 0.85 -5.73 -20.61
C VAL A 105 1.02 -4.25 -20.26
N LEU A 106 2.14 -3.67 -20.66
CA LEU A 106 2.40 -2.28 -20.25
C LEU A 106 1.67 -1.24 -21.10
N GLN A 107 1.00 -0.31 -20.44
CA GLN A 107 0.38 0.84 -21.12
C GLN A 107 1.56 1.73 -21.54
N ASP A 108 1.47 2.38 -22.67
CA ASP A 108 2.60 3.27 -23.02
C ASP A 108 2.15 4.67 -22.66
N TRP A 109 2.36 5.09 -21.41
CA TRP A 109 1.93 6.45 -21.02
C TRP A 109 2.86 7.47 -21.65
N VAL A 110 2.31 8.49 -22.29
CA VAL A 110 3.11 9.61 -22.86
C VAL A 110 2.71 10.86 -22.07
N ILE A 111 3.69 11.46 -21.42
CA ILE A 111 3.48 12.67 -20.59
C ILE A 111 4.49 13.74 -21.01
N ASP A 112 4.02 14.80 -21.68
CA ASP A 112 4.95 15.80 -22.27
C ASP A 112 4.55 17.22 -21.82
N ASP A 113 3.45 17.40 -21.08
CA ASP A 113 2.90 18.76 -20.78
C ASP A 113 2.51 18.86 -19.29
N CYS A 114 3.05 19.83 -18.58
CA CYS A 114 2.54 20.27 -17.26
C CYS A 114 1.40 21.22 -17.56
N ILE A 115 0.24 21.03 -16.94
N ILE A 115 0.24 20.99 -16.94
CA ILE A 115 -0.90 21.96 -17.22
CA ILE A 115 -0.95 21.85 -17.20
C ILE A 115 -1.25 22.78 -15.98
C ILE A 115 -1.15 22.81 -16.02
N GLY A 116 -0.67 22.46 -14.81
CA GLY A 116 -0.81 23.35 -13.64
C GLY A 116 -0.21 22.82 -12.35
N ASN A 117 -0.25 23.68 -11.35
CA ASN A 117 0.28 23.45 -9.99
C ASN A 117 -0.72 24.01 -8.98
N TRP A 118 -0.98 23.23 -7.93
CA TRP A 118 -1.83 23.67 -6.79
C TRP A 118 -1.08 23.45 -5.48
N TRP A 119 -1.34 24.32 -4.52
CA TRP A 119 -0.60 24.32 -3.25
C TRP A 119 -1.61 24.35 -2.11
N ARG A 120 -1.39 23.50 -1.12
CA ARG A 120 -2.19 23.41 0.11
C ARG A 120 -1.41 24.03 1.25
N PRO A 121 -1.80 25.23 1.72
CA PRO A 121 -1.02 25.93 2.74
C PRO A 121 -1.13 25.31 4.14
N ASN A 122 -2.25 24.67 4.48
CA ASN A 122 -2.50 24.12 5.83
C ASN A 122 -2.96 22.67 5.75
N PHE A 123 -3.12 22.00 6.90
CA PHE A 123 -3.66 20.62 6.95
C PHE A 123 -5.18 20.73 6.85
N GLU A 124 -5.66 21.31 5.76
CA GLU A 124 -7.08 21.71 5.60
C GLU A 124 -7.41 21.61 4.11
N PRO A 125 -8.70 21.46 3.75
CA PRO A 125 -9.09 21.30 2.35
C PRO A 125 -8.61 22.38 1.38
N PRO A 126 -8.56 23.70 1.71
CA PRO A 126 -8.24 24.72 0.70
C PRO A 126 -6.91 24.54 -0.05
N GLN A 127 -7.02 24.64 -1.37
CA GLN A 127 -5.87 24.55 -2.30
C GLN A 127 -5.92 25.76 -3.25
N TYR A 128 -4.76 26.29 -3.64
CA TYR A 128 -4.68 27.46 -4.54
C TYR A 128 -3.75 27.19 -5.72
N PRO A 129 -3.96 27.86 -6.86
CA PRO A 129 -3.04 27.75 -7.98
C PRO A 129 -1.76 28.58 -7.81
N TYR A 130 -1.40 28.95 -6.59
CA TYR A 130 -0.19 29.74 -6.24
C TYR A 130 0.13 29.49 -4.77
N ILE A 131 1.33 29.87 -4.31
CA ILE A 131 1.68 29.83 -2.86
C ILE A 131 1.11 31.10 -2.23
N PRO A 132 0.12 31.03 -1.33
CA PRO A 132 -0.48 32.26 -0.82
C PRO A 132 0.52 33.08 0.00
N ALA A 133 0.18 34.35 0.21
CA ALA A 133 0.95 35.30 1.03
C ALA A 133 1.18 34.70 2.42
N HIS A 134 2.39 34.87 2.91
CA HIS A 134 2.81 34.57 4.32
C HIS A 134 3.17 33.08 4.47
N ILE A 135 2.89 32.26 3.45
CA ILE A 135 3.08 30.77 3.53
C ILE A 135 4.45 30.41 2.99
N THR A 136 5.30 29.89 3.88
CA THR A 136 6.70 29.48 3.61
C THR A 136 6.76 27.94 3.55
N LYS A 137 5.95 27.26 4.37
CA LYS A 137 5.93 25.77 4.42
C LYS A 137 4.56 25.26 3.93
N PRO A 138 4.28 25.22 2.61
CA PRO A 138 3.05 24.57 2.15
C PRO A 138 3.09 23.08 2.51
N LYS A 139 1.93 22.49 2.82
CA LYS A 139 1.84 21.11 3.32
C LYS A 139 1.72 20.13 2.14
N GLU A 140 1.24 20.60 0.98
CA GLU A 140 1.17 19.76 -0.25
C GLU A 140 1.38 20.61 -1.50
N HIS A 141 2.07 20.03 -2.45
CA HIS A 141 2.20 20.53 -3.82
C HIS A 141 1.66 19.47 -4.79
N LYS A 142 0.62 19.83 -5.53
CA LYS A 142 -0.05 19.00 -6.54
C LYS A 142 0.32 19.51 -7.93
N LYS A 143 0.81 18.60 -8.78
N LYS A 143 0.83 18.59 -8.77
CA LYS A 143 1.23 18.93 -10.17
CA LYS A 143 1.24 18.85 -10.17
C LYS A 143 0.37 18.11 -11.14
C LYS A 143 0.30 18.10 -11.11
N LEU A 144 -0.25 18.80 -12.11
CA LEU A 144 -1.16 18.20 -13.09
C LEU A 144 -0.40 18.10 -14.41
N PHE A 145 -0.54 16.97 -15.08
CA PHE A 145 0.07 16.71 -16.39
C PHE A 145 -0.99 16.24 -17.38
N LEU A 146 -0.83 16.63 -18.65
CA LEU A 146 -1.65 16.10 -19.76
C LEU A 146 -1.05 14.76 -20.18
N VAL A 147 -1.87 13.73 -20.24
CA VAL A 147 -1.38 12.36 -20.60
C VAL A 147 -1.91 12.11 -22.01
N GLN A 148 -1.03 11.98 -23.00
CA GLN A 148 -1.48 11.69 -24.39
C GLN A 148 -1.77 10.20 -24.50
N LEU A 149 -3.01 9.85 -24.77
CA LEU A 149 -3.43 8.43 -24.93
C LEU A 149 -3.02 7.93 -26.32
N GLN A 150 -2.79 6.64 -26.39
CA GLN A 150 -2.60 5.94 -27.67
C GLN A 150 -3.97 5.86 -28.36
N GLU A 151 -3.97 5.48 -29.62
CA GLU A 151 -5.20 5.36 -30.45
C GLU A 151 -6.19 4.41 -29.79
N LYS A 152 -5.68 3.29 -29.28
CA LYS A 152 -6.50 2.26 -28.59
C LYS A 152 -5.78 1.78 -27.33
N ALA A 153 -6.53 1.36 -26.34
CA ALA A 153 -5.99 0.87 -25.05
C ALA A 153 -7.07 0.09 -24.32
N LEU A 154 -6.63 -0.82 -23.46
CA LEU A 154 -7.49 -1.52 -22.49
C LEU A 154 -7.12 -0.98 -21.11
N PHE A 155 -8.09 -0.45 -20.39
CA PHE A 155 -7.90 0.05 -19.00
C PHE A 155 -8.67 -0.87 -18.05
N ALA A 156 -7.99 -1.34 -17.02
CA ALA A 156 -8.61 -2.12 -15.93
C ALA A 156 -8.95 -1.16 -14.79
N VAL A 157 -10.25 -0.96 -14.59
CA VAL A 157 -10.80 -0.02 -13.58
C VAL A 157 -11.07 -0.78 -12.30
N PRO A 158 -10.46 -0.39 -11.16
CA PRO A 158 -10.77 -1.05 -9.89
C PRO A 158 -12.29 -1.05 -9.68
N LYS A 159 -12.82 -2.19 -9.23
CA LYS A 159 -14.26 -2.52 -9.17
C LYS A 159 -14.99 -1.51 -8.29
N ASN A 160 -14.31 -0.85 -7.34
CA ASN A 160 -14.95 0.13 -6.42
C ASN A 160 -15.01 1.53 -7.06
N TYR A 161 -14.49 1.73 -8.27
CA TYR A 161 -14.50 3.02 -9.00
C TYR A 161 -15.32 2.91 -10.28
N LYS A 162 -15.94 4.00 -10.76
CA LYS A 162 -16.46 4.14 -12.14
C LYS A 162 -15.53 5.10 -12.90
N LEU A 163 -15.13 4.75 -14.11
CA LEU A 163 -14.45 5.66 -15.05
C LEU A 163 -15.53 6.40 -15.82
N VAL A 164 -15.63 7.72 -15.63
CA VAL A 164 -16.66 8.55 -16.32
C VAL A 164 -15.92 9.49 -17.28
N ALA A 165 -16.46 9.66 -18.48
CA ALA A 165 -16.00 10.64 -19.48
C ALA A 165 -16.86 11.89 -19.33
N ALA A 166 -16.27 12.94 -18.75
CA ALA A 166 -16.95 14.22 -18.44
C ALA A 166 -16.65 15.23 -19.54
N PRO A 167 -17.70 15.76 -20.23
CA PRO A 167 -17.51 16.81 -21.21
C PRO A 167 -17.07 18.10 -20.49
N LEU A 168 -16.34 18.96 -21.19
CA LEU A 168 -15.80 20.19 -20.56
C LEU A 168 -16.95 21.05 -20.02
N PHE A 169 -18.07 21.15 -20.75
CA PHE A 169 -19.18 22.05 -20.32
C PHE A 169 -19.67 21.65 -18.93
N GLU A 170 -19.61 20.36 -18.59
CA GLU A 170 -20.10 19.89 -17.27
C GLU A 170 -19.14 20.31 -16.16
N LEU A 171 -17.85 20.41 -16.46
CA LEU A 171 -16.83 20.78 -15.45
C LEU A 171 -16.87 22.28 -15.21
N TYR A 172 -17.05 23.03 -16.29
CA TYR A 172 -16.91 24.50 -16.31
C TYR A 172 -17.81 25.14 -15.24
N ASP A 173 -17.21 25.99 -14.41
CA ASP A 173 -17.83 26.75 -13.30
C ASP A 173 -18.65 25.80 -12.41
N ASN A 174 -18.15 24.57 -12.16
CA ASN A 174 -18.83 23.55 -11.32
C ASN A 174 -17.92 23.09 -10.17
N ALA A 175 -17.37 24.01 -9.40
CA ALA A 175 -16.53 23.69 -8.21
C ALA A 175 -17.34 22.85 -7.21
N PRO A 176 -18.63 23.19 -6.93
CA PRO A 176 -19.44 22.35 -6.04
C PRO A 176 -19.50 20.87 -6.46
N GLY A 177 -19.63 20.58 -7.75
CA GLY A 177 -19.67 19.21 -8.28
C GLY A 177 -18.30 18.55 -8.26
N TYR A 178 -17.22 19.29 -8.56
CA TYR A 178 -15.93 18.66 -8.93
C TYR A 178 -14.77 19.25 -8.14
N GLY A 179 -14.98 20.36 -7.43
CA GLY A 179 -13.91 21.09 -6.73
C GLY A 179 -13.13 22.01 -7.68
N PRO A 180 -12.19 22.80 -7.12
CA PRO A 180 -11.54 23.91 -7.83
C PRO A 180 -10.51 23.49 -8.87
N ILE A 181 -9.98 22.28 -8.77
CA ILE A 181 -8.93 21.76 -9.71
C ILE A 181 -9.59 21.19 -10.95
N ILE A 182 -10.44 20.18 -10.80
CA ILE A 182 -11.17 19.57 -11.95
C ILE A 182 -12.04 20.63 -12.66
N SER A 183 -12.75 21.50 -11.92
CA SER A 183 -13.67 22.54 -12.47
C SER A 183 -12.90 23.56 -13.31
N SER A 184 -11.58 23.72 -13.11
CA SER A 184 -10.78 24.67 -13.93
C SER A 184 -10.05 23.97 -15.07
N LEU A 185 -10.27 22.67 -15.32
CA LEU A 185 -9.65 21.98 -16.45
C LEU A 185 -10.05 22.57 -17.79
N PRO A 186 -11.31 23.03 -18.03
CA PRO A 186 -11.64 23.64 -19.31
C PRO A 186 -10.67 24.80 -19.62
N GLN A 187 -10.49 25.71 -18.68
CA GLN A 187 -9.56 26.87 -18.87
C GLN A 187 -8.13 26.33 -19.13
N LEU A 188 -7.67 25.35 -18.33
CA LEU A 188 -6.31 24.80 -18.45
C LEU A 188 -6.09 24.06 -19.76
N LEU A 189 -7.14 23.49 -20.38
CA LEU A 189 -7.00 22.71 -21.64
C LEU A 189 -7.22 23.59 -22.88
N SER A 190 -7.69 24.84 -22.71
CA SER A 190 -8.10 25.70 -23.84
C SER A 190 -6.92 26.01 -24.76
N ARG A 191 -5.69 26.01 -24.22
CA ARG A 191 -4.50 26.40 -25.02
C ARG A 191 -4.14 25.30 -26.02
N PHE A 192 -4.64 24.08 -25.85
CA PHE A 192 -4.26 22.95 -26.72
C PHE A 192 -5.04 22.97 -28.03
N ASN A 193 -4.34 22.61 -29.08
CA ASN A 193 -4.90 22.36 -30.43
C ASN A 193 -5.26 20.86 -30.50
N PHE A 194 -6.50 20.49 -30.22
CA PHE A 194 -6.91 19.06 -30.24
C PHE A 194 -7.19 18.65 -31.68
N ILE A 195 -6.67 17.49 -32.08
CA ILE A 195 -7.00 16.80 -33.36
C ILE A 195 -8.03 15.70 -33.01
N TYR A 196 -9.20 15.72 -33.65
CA TYR A 196 -10.28 14.76 -33.37
C TYR A 196 -10.12 13.61 -34.35
N ASN A 197 -9.48 12.51 -33.94
CA ASN A 197 -9.19 11.37 -34.86
C ASN A 197 -10.37 10.39 -34.86
N SER B 1 26.82 8.25 10.66
CA SER B 1 27.55 6.97 10.41
C SER B 1 26.91 5.82 11.21
N MET B 2 26.31 6.14 12.38
CA MET B 2 25.35 5.23 13.07
C MET B 2 24.05 5.25 12.27
N LEU B 3 23.94 4.33 11.30
CA LEU B 3 22.75 4.13 10.42
C LEU B 3 21.99 2.90 10.93
N GLU B 4 22.04 2.64 12.25
CA GLU B 4 21.52 1.39 12.89
C GLU B 4 20.34 1.71 13.85
N ARG B 5 19.23 1.03 13.64
CA ARG B 5 18.06 1.08 14.53
C ARG B 5 18.43 0.35 15.82
N THR B 6 18.10 0.95 16.96
CA THR B 6 18.34 0.42 18.32
C THR B 6 17.05 -0.24 18.79
N ILE B 7 17.15 -1.49 19.23
CA ILE B 7 15.97 -2.25 19.74
C ILE B 7 16.24 -2.79 21.16
N ASN B 8 15.37 -2.49 22.12
CA ASN B 8 15.43 -3.02 23.50
C ASN B 8 15.00 -4.48 23.48
N LEU B 9 15.85 -5.37 23.97
CA LEU B 9 15.43 -6.76 24.31
C LEU B 9 15.41 -6.91 25.83
N TYR B 10 14.52 -7.78 26.29
CA TYR B 10 14.34 -8.15 27.71
C TYR B 10 14.37 -9.65 27.89
N PRO B 11 14.73 -10.10 29.12
CA PRO B 11 14.84 -11.50 29.41
C PRO B 11 13.55 -12.23 29.09
N LEU B 12 13.69 -13.44 28.59
CA LEU B 12 12.52 -14.33 28.39
C LEU B 12 11.71 -14.44 29.69
N THR B 13 12.38 -14.46 30.85
CA THR B 13 11.69 -14.62 32.15
C THR B 13 10.91 -13.35 32.54
N ASN B 14 11.03 -12.25 31.80
CA ASN B 14 10.18 -11.04 31.99
C ASN B 14 8.77 -11.28 31.46
N TYR B 15 8.54 -12.35 30.66
CA TYR B 15 7.22 -12.56 30.01
C TYR B 15 6.49 -13.73 30.66
N THR B 16 5.17 -13.62 30.76
CA THR B 16 4.31 -14.70 31.32
C THR B 16 3.58 -15.34 30.15
N PHE B 17 3.74 -16.65 29.96
CA PHE B 17 3.09 -17.42 28.86
C PHE B 17 1.85 -18.12 29.40
N GLY B 18 0.71 -17.44 29.35
CA GLY B 18 -0.62 -17.99 29.70
C GLY B 18 -1.17 -18.88 28.58
N THR B 19 -2.36 -19.44 28.78
CA THR B 19 -3.04 -20.33 27.80
C THR B 19 -4.45 -19.82 27.60
N LYS B 20 -5.03 -20.05 26.42
CA LYS B 20 -6.46 -19.78 26.16
C LYS B 20 -7.00 -20.84 25.21
N GLU B 21 -8.24 -20.66 24.75
CA GLU B 21 -8.94 -21.67 23.92
C GLU B 21 -8.14 -21.92 22.65
N PRO B 22 -8.26 -23.12 22.04
CA PRO B 22 -7.53 -23.40 20.81
C PRO B 22 -7.98 -22.40 19.73
N LEU B 23 -7.04 -22.08 18.84
CA LEU B 23 -7.25 -21.25 17.64
C LEU B 23 -7.06 -22.20 16.45
N TYR B 24 -8.10 -22.39 15.65
CA TYR B 24 -8.10 -23.32 14.48
C TYR B 24 -8.03 -22.51 13.19
N GLU B 25 -7.27 -23.00 12.21
CA GLU B 25 -7.12 -22.43 10.84
C GLU B 25 -8.50 -22.35 10.16
N LYS B 26 -8.68 -21.43 9.20
CA LYS B 26 -9.84 -21.40 8.26
C LYS B 26 -9.74 -22.61 7.32
N ASP B 27 -8.52 -23.02 6.96
CA ASP B 27 -8.21 -24.10 5.97
C ASP B 27 -8.06 -25.45 6.67
N SER B 28 -8.68 -26.50 6.11
CA SER B 28 -8.70 -27.89 6.65
C SER B 28 -7.66 -28.77 5.96
N SER B 29 -6.83 -28.21 5.06
CA SER B 29 -6.02 -28.99 4.09
C SER B 29 -5.07 -28.08 3.28
N VAL B 30 -4.06 -28.68 2.64
CA VAL B 30 -3.10 -28.02 1.67
C VAL B 30 -3.84 -27.65 0.38
N ALA B 31 -4.82 -28.44 -0.04
CA ALA B 31 -5.65 -28.22 -1.26
C ALA B 31 -6.72 -27.16 -0.96
N ALA B 32 -7.46 -27.31 0.14
CA ALA B 32 -8.46 -26.31 0.63
C ALA B 32 -7.78 -24.95 0.80
N ARG B 33 -6.48 -24.93 1.12
CA ARG B 33 -5.67 -23.69 1.25
C ARG B 33 -5.57 -22.99 -0.11
N PHE B 34 -5.00 -23.67 -1.11
CA PHE B 34 -4.75 -23.11 -2.46
C PHE B 34 -6.08 -22.93 -3.21
N GLN B 35 -7.12 -23.70 -2.83
CA GLN B 35 -8.50 -23.52 -3.35
C GLN B 35 -9.04 -22.17 -2.87
N ARG B 36 -9.00 -21.90 -1.57
CA ARG B 36 -9.57 -20.65 -0.99
C ARG B 36 -8.78 -19.48 -1.55
N MET B 37 -7.45 -19.63 -1.62
CA MET B 37 -6.54 -18.60 -2.20
C MET B 37 -7.05 -18.26 -3.61
N ARG B 38 -7.43 -19.28 -4.40
CA ARG B 38 -8.02 -19.11 -5.77
C ARG B 38 -9.35 -18.35 -5.68
N GLU B 39 -10.31 -18.82 -4.89
CA GLU B 39 -11.65 -18.19 -4.73
C GLU B 39 -11.44 -16.71 -4.44
N GLU B 40 -10.58 -16.40 -3.46
CA GLU B 40 -10.43 -15.03 -2.91
C GLU B 40 -9.66 -14.18 -3.91
N PHE B 41 -8.65 -14.75 -4.56
CA PHE B 41 -7.82 -14.03 -5.55
C PHE B 41 -8.75 -13.43 -6.62
N ASP B 42 -9.73 -14.22 -7.08
CA ASP B 42 -10.72 -13.80 -8.11
C ASP B 42 -11.56 -12.62 -7.64
N LYS B 43 -11.93 -12.54 -6.35
CA LYS B 43 -12.84 -11.51 -5.79
C LYS B 43 -12.06 -10.26 -5.33
N ILE B 44 -10.93 -10.39 -4.62
CA ILE B 44 -10.22 -9.21 -4.05
C ILE B 44 -8.74 -9.16 -4.48
N GLY B 45 -8.27 -10.09 -5.31
CA GLY B 45 -6.90 -10.03 -5.84
C GLY B 45 -5.90 -10.55 -4.80
N MET B 46 -4.67 -10.03 -4.84
CA MET B 46 -3.48 -10.60 -4.16
C MET B 46 -3.77 -10.72 -2.65
N ARG B 47 -3.62 -11.92 -2.09
CA ARG B 47 -3.69 -12.11 -0.62
C ARG B 47 -2.59 -11.25 0.03
N ARG B 48 -2.95 -10.49 1.07
CA ARG B 48 -2.00 -9.65 1.84
C ARG B 48 -1.85 -10.25 3.24
N THR B 49 -0.67 -10.79 3.56
N THR B 49 -0.64 -10.75 3.56
CA THR B 49 -0.35 -11.37 4.89
CA THR B 49 -0.29 -11.39 4.86
C THR B 49 0.71 -10.51 5.61
C THR B 49 0.70 -10.49 5.60
N VAL B 50 0.62 -10.49 6.94
CA VAL B 50 1.57 -9.73 7.80
C VAL B 50 2.01 -10.72 8.89
N GLU B 51 3.29 -10.68 9.22
CA GLU B 51 3.86 -11.53 10.30
C GLU B 51 4.70 -10.64 11.24
N GLY B 52 4.61 -10.92 12.53
CA GLY B 52 5.37 -10.19 13.56
C GLY B 52 6.52 -11.00 14.09
N VAL B 53 7.65 -10.33 14.25
CA VAL B 53 8.91 -10.92 14.76
C VAL B 53 9.11 -10.28 16.16
N LEU B 54 8.92 -11.10 17.17
CA LEU B 54 9.02 -10.77 18.60
C LEU B 54 10.31 -11.37 19.12
N ILE B 55 11.15 -10.53 19.70
CA ILE B 55 12.51 -10.92 20.10
C ILE B 55 12.65 -10.68 21.60
N VAL B 56 13.29 -11.66 22.24
CA VAL B 56 13.66 -11.61 23.68
C VAL B 56 15.13 -11.98 23.73
N HIS B 57 15.71 -12.00 24.93
CA HIS B 57 17.05 -12.59 25.05
C HIS B 57 17.08 -13.52 26.23
N GLU B 58 17.98 -14.49 26.19
N GLU B 58 18.02 -14.46 26.16
CA GLU B 58 18.42 -15.24 27.39
CA GLU B 58 18.47 -15.36 27.26
C GLU B 58 19.89 -15.57 27.18
C GLU B 58 19.99 -15.46 27.15
N HIS B 59 20.73 -14.96 28.02
N HIS B 59 20.70 -14.95 28.17
CA HIS B 59 22.22 -15.08 28.03
CA HIS B 59 22.19 -14.93 28.25
C HIS B 59 22.82 -14.02 27.09
C HIS B 59 22.77 -14.05 27.14
N ARG B 60 22.15 -12.88 26.92
CA ARG B 60 22.56 -11.88 25.91
C ARG B 60 22.64 -12.54 24.51
N LEU B 61 21.81 -13.56 24.23
CA LEU B 61 21.58 -14.12 22.88
C LEU B 61 20.14 -13.84 22.44
N PRO B 62 19.91 -13.22 21.27
CA PRO B 62 18.55 -12.96 20.83
C PRO B 62 17.85 -14.26 20.43
N HIS B 63 16.60 -14.38 20.85
CA HIS B 63 15.68 -15.47 20.50
C HIS B 63 14.43 -14.92 19.84
N VAL B 64 13.94 -15.61 18.81
CA VAL B 64 12.66 -15.22 18.16
C VAL B 64 11.56 -16.09 18.76
N LEU B 65 10.42 -15.49 19.08
CA LEU B 65 9.24 -16.24 19.57
C LEU B 65 8.50 -16.84 18.37
N LEU B 66 8.42 -18.18 18.34
CA LEU B 66 7.72 -18.96 17.30
C LEU B 66 6.55 -19.71 17.92
N LEU B 67 5.45 -19.84 17.16
CA LEU B 67 4.32 -20.73 17.50
C LEU B 67 4.66 -22.11 16.94
N GLN B 68 4.70 -23.11 17.82
CA GLN B 68 5.02 -24.51 17.47
C GLN B 68 3.70 -25.31 17.39
N LEU B 69 3.48 -25.97 16.25
CA LEU B 69 2.42 -26.99 16.10
C LEU B 69 3.06 -28.37 15.97
N GLY B 70 2.63 -29.29 16.85
CA GLY B 70 3.21 -30.65 16.96
C GLY B 70 4.67 -30.59 17.33
N THR B 71 5.50 -31.35 16.62
CA THR B 71 6.98 -31.44 16.82
C THR B 71 7.70 -30.53 15.83
N THR B 72 7.18 -30.43 14.60
CA THR B 72 7.94 -30.06 13.39
C THR B 72 7.42 -28.77 12.75
N PHE B 73 6.19 -28.32 13.04
CA PHE B 73 5.57 -27.15 12.38
C PHE B 73 5.79 -25.89 13.23
N PHE B 74 6.43 -24.87 12.65
CA PHE B 74 6.72 -23.54 13.28
C PHE B 74 6.13 -22.41 12.44
N LYS B 75 5.49 -21.41 13.07
CA LYS B 75 4.96 -20.21 12.35
C LYS B 75 5.17 -18.94 13.16
N LEU B 76 5.35 -17.81 12.46
CA LEU B 76 5.30 -16.50 13.13
C LEU B 76 3.85 -16.19 13.45
N PRO B 77 3.58 -15.41 14.50
CA PRO B 77 2.26 -14.86 14.72
C PRO B 77 1.98 -13.86 13.59
N GLY B 78 0.77 -13.91 13.06
CA GLY B 78 0.37 -13.11 11.89
C GLY B 78 -0.87 -13.69 11.24
N GLY B 79 -1.13 -13.30 9.98
CA GLY B 79 -2.34 -13.75 9.27
C GLY B 79 -2.74 -12.79 8.17
N GLU B 80 -3.97 -12.94 7.67
CA GLU B 80 -4.47 -12.28 6.46
C GLU B 80 -5.07 -10.94 6.88
N LEU B 81 -4.72 -9.88 6.16
CA LEU B 81 -5.40 -8.57 6.28
C LEU B 81 -6.80 -8.66 5.68
N ASN B 82 -7.73 -7.90 6.23
CA ASN B 82 -9.10 -7.70 5.67
C ASN B 82 -8.96 -6.77 4.47
N PRO B 83 -9.95 -6.74 3.55
CA PRO B 83 -9.92 -5.80 2.42
C PRO B 83 -9.68 -4.34 2.84
N GLY B 84 -8.64 -3.70 2.29
CA GLY B 84 -8.34 -2.29 2.56
C GLY B 84 -7.80 -2.03 3.96
N GLU B 85 -7.45 -3.06 4.73
CA GLU B 85 -6.96 -2.86 6.12
C GLU B 85 -5.49 -2.39 6.12
N ASP B 86 -5.14 -1.40 6.94
CA ASP B 86 -3.74 -0.94 7.10
C ASP B 86 -2.88 -2.14 7.57
N GLU B 87 -1.70 -2.31 7.01
CA GLU B 87 -0.79 -3.45 7.35
C GLU B 87 -0.49 -3.46 8.84
N VAL B 88 -0.11 -2.33 9.42
CA VAL B 88 0.32 -2.22 10.84
C VAL B 88 -0.88 -2.40 11.77
N GLU B 89 -2.02 -1.77 11.48
CA GLU B 89 -3.21 -1.93 12.35
C GLU B 89 -3.73 -3.37 12.23
N GLY B 90 -3.58 -3.99 11.07
CA GLY B 90 -3.99 -5.38 10.86
C GLY B 90 -3.06 -6.35 11.58
N LEU B 91 -1.74 -6.15 11.51
CA LEU B 91 -0.81 -6.98 12.33
C LEU B 91 -1.16 -6.83 13.82
N LYS B 92 -1.36 -5.61 14.34
CA LYS B 92 -1.75 -5.38 15.77
C LYS B 92 -3.05 -6.14 16.10
N ARG B 93 -4.08 -6.10 15.24
CA ARG B 93 -5.30 -6.94 15.43
C ARG B 93 -4.96 -8.44 15.50
N LEU B 94 -4.14 -8.96 14.59
CA LEU B 94 -3.84 -10.40 14.50
C LEU B 94 -3.06 -10.87 15.73
N MET B 95 -2.08 -10.06 16.17
N MET B 95 -2.14 -10.04 16.25
CA MET B 95 -1.23 -10.31 17.37
CA MET B 95 -1.26 -10.41 17.37
C MET B 95 -2.15 -10.50 18.57
C MET B 95 -2.05 -10.41 18.69
N THR B 96 -3.07 -9.54 18.79
CA THR B 96 -4.05 -9.54 19.89
C THR B 96 -4.92 -10.80 19.76
N GLU B 97 -5.44 -11.09 18.56
CA GLU B 97 -6.20 -12.34 18.27
C GLU B 97 -5.39 -13.57 18.69
N ILE B 98 -4.10 -13.63 18.36
CA ILE B 98 -3.33 -14.88 18.60
C ILE B 98 -2.80 -14.93 20.03
N LEU B 99 -2.24 -13.84 20.56
CA LEU B 99 -1.49 -13.87 21.85
C LEU B 99 -2.11 -12.95 22.88
N GLY B 100 -3.17 -12.23 22.51
CA GLY B 100 -3.80 -11.21 23.38
C GLY B 100 -4.51 -11.85 24.53
N ARG B 101 -4.21 -11.35 25.75
CA ARG B 101 -4.82 -11.76 27.04
C ARG B 101 -6.33 -11.68 26.89
N GLN B 102 -7.04 -12.76 27.25
CA GLN B 102 -8.50 -12.93 27.04
C GLN B 102 -9.23 -12.76 28.37
N ASP B 103 -9.69 -11.55 28.71
CA ASP B 103 -9.36 -10.29 28.04
C ASP B 103 -9.93 -9.18 28.91
N GLY B 104 -9.16 -8.13 29.23
CA GLY B 104 -7.87 -7.79 28.66
C GLY B 104 -7.51 -6.34 28.99
N VAL B 105 -6.31 -5.87 28.60
CA VAL B 105 -5.82 -4.49 28.85
C VAL B 105 -6.48 -3.50 27.88
N LEU B 106 -6.16 -3.54 26.57
CA LEU B 106 -5.35 -4.57 25.93
C LEU B 106 -3.88 -4.16 25.94
N GLN B 107 -3.00 -5.08 25.51
CA GLN B 107 -1.58 -4.81 25.16
C GLN B 107 -1.57 -3.88 23.94
N ASP B 108 -0.76 -2.83 23.95
CA ASP B 108 -0.49 -2.01 22.73
C ASP B 108 0.86 -2.48 22.16
N TRP B 109 0.83 -3.05 20.95
CA TRP B 109 2.03 -3.53 20.24
C TRP B 109 2.75 -2.34 19.63
N VAL B 110 4.07 -2.27 19.74
CA VAL B 110 4.87 -1.22 19.07
C VAL B 110 5.46 -1.86 17.83
N ILE B 111 5.03 -1.38 16.66
CA ILE B 111 5.44 -1.88 15.32
C ILE B 111 5.93 -0.70 14.49
N ASP B 112 7.25 -0.51 14.40
CA ASP B 112 7.84 0.63 13.63
C ASP B 112 8.86 0.16 12.58
N ASP B 113 9.09 -1.14 12.35
CA ASP B 113 10.17 -1.55 11.41
C ASP B 113 9.71 -2.68 10.47
N CYS B 114 9.82 -2.47 9.17
CA CYS B 114 9.64 -3.53 8.12
C CYS B 114 10.97 -4.26 8.03
N ILE B 115 10.96 -5.59 8.18
CA ILE B 115 12.11 -6.54 8.16
C ILE B 115 12.31 -7.06 6.74
N GLY B 116 11.22 -7.33 6.01
CA GLY B 116 11.30 -8.03 4.73
C GLY B 116 9.95 -8.29 4.08
N ASN B 117 10.02 -8.79 2.84
CA ASN B 117 8.83 -9.06 2.01
C ASN B 117 9.04 -10.37 1.29
N TRP B 118 7.97 -11.16 1.19
CA TRP B 118 7.99 -12.44 0.44
C TRP B 118 6.77 -12.45 -0.47
N TRP B 119 6.96 -12.98 -1.68
CA TRP B 119 5.89 -13.00 -2.72
C TRP B 119 5.71 -14.43 -3.24
N ARG B 120 4.47 -14.82 -3.41
CA ARG B 120 4.08 -16.16 -3.93
C ARG B 120 3.63 -15.96 -5.37
N PRO B 121 4.40 -16.40 -6.37
CA PRO B 121 4.03 -16.14 -7.76
C PRO B 121 2.79 -16.95 -8.18
N ASN B 122 2.60 -18.16 -7.64
CA ASN B 122 1.50 -19.08 -8.08
C ASN B 122 0.68 -19.59 -6.89
N PHE B 123 -0.37 -20.35 -7.19
CA PHE B 123 -1.18 -21.07 -6.18
C PHE B 123 -0.44 -22.37 -5.84
N GLU B 124 0.76 -22.23 -5.30
CA GLU B 124 1.72 -23.32 -4.97
C GLU B 124 2.57 -22.85 -3.79
N PRO B 125 3.20 -23.77 -3.04
CA PRO B 125 3.99 -23.39 -1.87
C PRO B 125 5.11 -22.37 -2.09
N PRO B 126 5.84 -22.36 -3.23
CA PRO B 126 7.05 -21.56 -3.32
C PRO B 126 6.80 -20.05 -3.10
N GLN B 127 7.70 -19.46 -2.31
CA GLN B 127 7.71 -18.01 -1.96
C GLN B 127 9.13 -17.50 -2.13
N TYR B 128 9.27 -16.26 -2.62
CA TYR B 128 10.56 -15.64 -2.97
C TYR B 128 10.66 -14.27 -2.31
N PRO B 129 11.88 -13.84 -1.91
CA PRO B 129 12.08 -12.52 -1.30
C PRO B 129 12.22 -11.39 -2.32
N TYR B 130 11.57 -11.53 -3.47
CA TYR B 130 11.68 -10.66 -4.66
C TYR B 130 10.42 -10.96 -5.51
N ILE B 131 10.05 -10.05 -6.40
CA ILE B 131 8.95 -10.31 -7.38
C ILE B 131 9.57 -11.03 -8.56
N PRO B 132 9.19 -12.28 -8.85
CA PRO B 132 9.90 -13.03 -9.89
C PRO B 132 9.65 -12.41 -11.28
N ALA B 133 10.60 -12.61 -12.18
CA ALA B 133 10.60 -12.14 -13.60
C ALA B 133 9.22 -12.37 -14.23
N HIS B 134 8.64 -11.33 -14.82
CA HIS B 134 7.39 -11.40 -15.64
C HIS B 134 6.21 -11.86 -14.78
N ILE B 135 6.30 -11.86 -13.45
CA ILE B 135 5.11 -12.17 -12.59
C ILE B 135 4.45 -10.84 -12.21
N THR B 136 3.35 -10.50 -12.87
CA THR B 136 2.72 -9.16 -12.75
C THR B 136 1.57 -9.27 -11.75
N LYS B 137 1.09 -10.49 -11.50
CA LYS B 137 -0.05 -10.76 -10.60
C LYS B 137 0.35 -11.77 -9.53
N PRO B 138 1.22 -11.44 -8.54
CA PRO B 138 1.56 -12.39 -7.48
C PRO B 138 0.29 -12.77 -6.74
N LYS B 139 0.16 -14.01 -6.25
CA LYS B 139 -1.06 -14.51 -5.57
C LYS B 139 -1.07 -14.11 -4.10
N GLU B 140 0.11 -13.83 -3.53
CA GLU B 140 0.22 -13.43 -2.10
C GLU B 140 1.44 -12.54 -1.92
N HIS B 141 1.29 -11.53 -1.08
CA HIS B 141 2.38 -10.65 -0.56
C HIS B 141 2.43 -10.77 0.97
N LYS B 142 3.55 -11.23 1.48
CA LYS B 142 3.78 -11.42 2.93
C LYS B 142 4.76 -10.33 3.38
N LYS B 143 4.37 -9.55 4.38
CA LYS B 143 5.24 -8.48 4.94
C LYS B 143 5.63 -8.85 6.36
N LEU B 144 6.91 -8.75 6.67
CA LEU B 144 7.47 -9.08 8.01
C LEU B 144 7.77 -7.77 8.74
N PHE B 145 7.33 -7.65 9.99
CA PHE B 145 7.58 -6.50 10.87
C PHE B 145 8.28 -6.95 12.15
N LEU B 146 9.23 -6.14 12.62
CA LEU B 146 9.84 -6.30 13.98
C LEU B 146 8.87 -5.68 14.99
N VAL B 147 8.38 -6.47 15.93
CA VAL B 147 7.43 -5.98 16.99
C VAL B 147 8.27 -5.75 18.25
N GLN B 148 8.40 -4.50 18.70
CA GLN B 148 9.17 -4.14 19.93
C GLN B 148 8.30 -4.47 21.14
N LEU B 149 8.81 -5.30 22.06
CA LEU B 149 8.07 -5.71 23.27
C LEU B 149 8.34 -4.73 24.40
N GLN B 150 7.32 -4.55 25.23
CA GLN B 150 7.42 -3.83 26.51
C GLN B 150 8.35 -4.64 27.44
N GLU B 151 8.86 -4.02 28.50
CA GLU B 151 9.77 -4.71 29.45
C GLU B 151 9.14 -6.00 30.01
N LYS B 152 7.83 -5.99 30.30
CA LYS B 152 7.05 -7.15 30.82
C LYS B 152 5.75 -7.23 30.05
N ALA B 153 5.29 -8.43 29.72
CA ALA B 153 3.97 -8.64 29.09
C ALA B 153 3.44 -10.02 29.46
N LEU B 154 2.13 -10.16 29.51
CA LEU B 154 1.42 -11.45 29.64
C LEU B 154 0.91 -11.81 28.25
N PHE B 155 1.30 -12.98 27.73
CA PHE B 155 0.79 -13.57 26.48
C PHE B 155 -0.15 -14.73 26.81
N ALA B 156 -1.31 -14.77 26.15
CA ALA B 156 -2.31 -15.86 26.24
C ALA B 156 -2.16 -16.70 24.97
N VAL B 157 -1.49 -17.84 25.07
CA VAL B 157 -1.15 -18.71 23.90
C VAL B 157 -2.28 -19.72 23.72
N PRO B 158 -2.86 -19.85 22.50
CA PRO B 158 -3.89 -20.86 22.24
C PRO B 158 -3.37 -22.27 22.55
N LYS B 159 -4.21 -23.02 23.26
CA LYS B 159 -3.94 -24.35 23.87
C LYS B 159 -3.28 -25.30 22.87
N ASN B 160 -3.66 -25.25 21.59
CA ASN B 160 -3.12 -26.20 20.57
C ASN B 160 -1.72 -25.76 20.11
N TYR B 161 -1.25 -24.58 20.52
CA TYR B 161 0.13 -24.11 20.21
C TYR B 161 0.98 -24.03 21.48
N LYS B 162 2.29 -24.17 21.30
CA LYS B 162 3.34 -23.77 22.27
C LYS B 162 4.10 -22.58 21.68
N LEU B 163 4.27 -21.51 22.45
CA LEU B 163 5.24 -20.42 22.13
C LEU B 163 6.63 -20.90 22.55
N VAL B 164 7.56 -20.96 21.60
CA VAL B 164 8.98 -21.31 21.86
C VAL B 164 9.85 -20.12 21.52
N ALA B 165 10.91 -19.94 22.31
CA ALA B 165 11.95 -18.92 22.12
C ALA B 165 13.10 -19.59 21.39
N ALA B 166 13.26 -19.33 20.11
CA ALA B 166 14.28 -19.93 19.24
C ALA B 166 15.48 -19.00 19.15
N PRO B 167 16.67 -19.43 19.59
CA PRO B 167 17.86 -18.64 19.37
C PRO B 167 18.16 -18.53 17.87
N LEU B 168 18.77 -17.41 17.46
CA LEU B 168 19.08 -17.11 16.04
C LEU B 168 19.98 -18.20 15.45
N PHE B 169 20.96 -18.71 16.22
CA PHE B 169 21.91 -19.72 15.67
C PHE B 169 21.13 -20.97 15.26
N GLU B 170 20.01 -21.29 15.89
CA GLU B 170 19.23 -22.51 15.53
C GLU B 170 18.49 -22.30 14.22
N LEU B 171 17.95 -21.09 14.02
CA LEU B 171 17.18 -20.72 12.81
C LEU B 171 18.14 -20.81 11.61
N TYR B 172 19.34 -20.26 11.74
CA TYR B 172 20.35 -20.25 10.65
C TYR B 172 21.01 -21.62 10.49
N ASP B 173 21.47 -21.95 9.29
CA ASP B 173 20.72 -21.82 8.05
C ASP B 173 20.10 -23.21 7.87
N ASN B 174 18.82 -23.28 8.23
CA ASN B 174 18.11 -24.47 8.73
C ASN B 174 16.74 -24.38 8.08
N ALA B 175 16.77 -23.99 6.80
CA ALA B 175 15.57 -23.98 5.94
C ALA B 175 14.88 -25.32 6.16
N PRO B 176 15.62 -26.45 6.19
CA PRO B 176 14.97 -27.75 6.25
C PRO B 176 14.06 -27.70 7.48
N GLY B 177 14.60 -27.28 8.63
CA GLY B 177 13.85 -27.22 9.90
C GLY B 177 12.75 -26.16 9.88
N TYR B 178 13.04 -24.96 9.38
CA TYR B 178 12.24 -23.76 9.71
C TYR B 178 11.56 -23.16 8.47
N GLY B 179 11.98 -23.53 7.26
CA GLY B 179 11.46 -22.92 6.02
C GLY B 179 12.28 -21.68 5.65
N PRO B 180 12.23 -21.21 4.38
CA PRO B 180 13.10 -20.11 3.93
C PRO B 180 12.87 -18.76 4.63
N ILE B 181 11.66 -18.54 5.12
CA ILE B 181 11.27 -17.27 5.81
C ILE B 181 11.85 -17.24 7.24
N ILE B 182 11.48 -18.17 8.11
CA ILE B 182 12.00 -18.19 9.51
C ILE B 182 13.51 -18.38 9.49
N SER B 183 14.07 -19.20 8.62
CA SER B 183 15.53 -19.49 8.65
C SER B 183 16.32 -18.28 8.19
N SER B 184 15.73 -17.29 7.52
CA SER B 184 16.51 -16.09 7.10
C SER B 184 16.25 -14.88 8.03
N LEU B 185 15.53 -15.09 9.12
CA LEU B 185 15.37 -14.01 10.13
C LEU B 185 16.70 -13.56 10.72
N PRO B 186 17.70 -14.44 11.01
CA PRO B 186 19.00 -13.97 11.48
C PRO B 186 19.59 -12.90 10.54
N GLN B 187 19.68 -13.17 9.23
CA GLN B 187 20.21 -12.19 8.26
C GLN B 187 19.41 -10.88 8.39
N LEU B 188 18.08 -10.98 8.41
CA LEU B 188 17.13 -9.84 8.38
C LEU B 188 17.27 -9.04 9.69
N LEU B 189 17.64 -9.68 10.78
CA LEU B 189 17.77 -9.01 12.10
C LEU B 189 19.20 -8.50 12.33
N SER B 190 20.17 -8.86 11.49
CA SER B 190 21.60 -8.57 11.71
C SER B 190 21.89 -7.06 11.71
N ARG B 191 21.12 -6.25 11.01
CA ARG B 191 21.38 -4.79 10.98
C ARG B 191 20.98 -4.13 12.32
N PHE B 192 20.17 -4.76 13.17
CA PHE B 192 19.66 -4.07 14.38
C PHE B 192 20.73 -4.02 15.47
N ASN B 193 20.75 -2.92 16.21
CA ASN B 193 21.60 -2.77 17.41
C ASN B 193 20.73 -3.20 18.59
N PHE B 194 20.86 -4.44 19.03
CA PHE B 194 20.07 -4.95 20.17
C PHE B 194 20.72 -4.52 21.50
N ILE B 195 19.87 -4.07 22.41
CA ILE B 195 20.23 -3.74 23.81
C ILE B 195 19.69 -4.85 24.70
N TYR B 196 20.59 -5.50 25.44
CA TYR B 196 20.23 -6.65 26.33
C TYR B 196 19.97 -6.09 27.72
N ASN B 197 18.71 -5.89 28.04
CA ASN B 197 18.25 -5.32 29.33
C ASN B 197 18.14 -6.41 30.39
ZN ZN C . 6.27 23.68 -4.09
ZN ZN D . -19.01 11.77 -35.04
C ACT E . -7.40 26.59 -30.87
O ACT E . -6.46 25.83 -31.16
OXT ACT E . -8.22 26.35 -29.97
CH3 ACT E . -7.55 27.90 -31.66
C ACT F . -21.87 24.11 -14.39
O ACT F . -21.45 23.97 -13.22
OXT ACT F . -21.60 23.32 -15.35
CH3 ACT F . -22.75 25.33 -14.67
N1 RWG G . -3.07 5.78 -5.84
N3 RWG G . -5.20 5.93 -5.81
C4 RWG G . -1.90 7.95 -3.38
C5 RWG G . -2.55 5.39 -3.52
C6 RWG G . -3.51 5.49 -4.57
C7 RWG G . -4.90 5.53 -4.52
C8 RWG G . -6.36 6.40 -6.44
C10 RWG G . -7.16 8.28 -7.65
C13 RWG G . -7.37 5.57 -6.89
N RWG G . -3.79 7.07 -2.15
C RWG G . -3.95 6.59 -0.90
O RWG G . -4.95 6.76 -0.25
C1 RWG G . -2.72 5.83 -0.52
C11 RWG G . -8.16 7.46 -8.16
C12 RWG G . -8.29 6.10 -7.79
C2 RWG G . -1.72 6.25 -1.54
C3 RWG G . -2.51 6.70 -2.72
C9 RWG G . -6.26 7.75 -6.77
F RWG G . -9.00 7.99 -9.00
N2 RWG G . -4.05 6.04 -6.54
O1 RWG G . -0.51 6.19 -1.48
N1 RWG H . -6.43 -8.89 -24.40
N3 RWG H . -7.28 -7.05 -25.15
C4 RWG H . -9.15 -8.40 -21.12
C5 RWG H . -8.32 -9.90 -23.05
C6 RWG H . -7.77 -8.87 -23.97
C7 RWG H . -8.34 -7.70 -24.48
C8 RWG H . -7.23 -5.72 -25.70
C10 RWG H . -8.33 -3.72 -26.47
C13 RWG H . -5.96 -5.09 -25.79
N RWG H . -8.52 -10.77 -20.70
C RWG H . -7.76 -10.84 -19.53
O RWG H . -7.79 -11.75 -18.68
C1 RWG H . -6.88 -9.60 -19.50
C11 RWG H . -7.06 -3.10 -26.53
C12 RWG H . -5.89 -3.78 -26.21
C2 RWG H . -6.84 -9.30 -20.96
C3 RWG H . -8.24 -9.59 -21.50
C9 RWG H . -8.41 -5.03 -26.06
F RWG H . -6.95 -1.83 -26.84
N2 RWG H . -6.16 -7.86 -25.08
O1 RWG H . -5.89 -8.95 -21.57
ZN ZN I . 18.28 -20.01 24.61
ZN ZN J . 12.21 -11.96 -19.32
ZN ZN K . 7.05 -10.38 -21.97
ZN ZN L . 4.04 -3.58 -2.00
C ACT M . 23.97 -22.90 13.15
O ACT M . 24.49 -23.07 14.27
OXT ACT M . 23.03 -23.59 12.68
CH3 ACT M . 24.48 -21.77 12.30
#